data_2LSX
#
_entry.id   2LSX
#
_cell.length_a   1.000
_cell.length_b   1.000
_cell.length_c   1.000
_cell.angle_alpha   90.00
_cell.angle_beta   90.00
_cell.angle_gamma   90.00
#
_symmetry.space_group_name_H-M   'P 1'
#
_entity_poly.entity_id   1
_entity_poly.type   'polydeoxyribonucleotide'
_entity_poly.pdbx_seq_one_letter_code
;(DT)(DC)(DG)(DT)(DT)(DT)(DC)(DG)(DT)(DT)
;
_entity_poly.pdbx_strand_id   A,B
#
loop_
_chem_comp.id
_chem_comp.type
_chem_comp.name
_chem_comp.formula
DC DNA linking 2'-DEOXYCYTIDINE-5'-MONOPHOSPHATE 'C9 H14 N3 O7 P'
DG DNA linking 2'-DEOXYGUANOSINE-5'-MONOPHOSPHATE 'C10 H14 N5 O7 P'
DT DNA linking THYMIDINE-5'-MONOPHOSPHATE 'C10 H15 N2 O8 P'
#